data_4JDJ
#
_entry.id   4JDJ
#
_cell.length_a   61.790
_cell.length_b   61.790
_cell.length_c   181.727
_cell.angle_alpha   90.00
_cell.angle_beta   90.00
_cell.angle_gamma   90.00
#
_symmetry.space_group_name_H-M   'P 41 21 2'
#
loop_
_entity.id
_entity.type
_entity.pdbx_description
1 polymer 'Serine/threonine-protein kinase PAK 4'
2 polymer 'Paktide T'
3 water water
#
loop_
_entity_poly.entity_id
_entity_poly.type
_entity_poly.pdbx_seq_one_letter_code
_entity_poly.pdbx_strand_id
1 'polypeptide(L)'
;MGSSHHHHHHSSGLVPRGSHMENLYFQGARARQENGMPEKPPGPRSPQREPQRVSHEQFRAALQLVVDPGDPRSYLDNFI
KIGEGSTGIVCIATVRSSGKLVAVKKMDLRKQQRRELLFNEVVIMRDYQHENVVEMYNSYLVGDELWVVMEFLEGGALTD
IVTHTRMNEEQIAAVCLAVLQALSVLHAQGVIHRDIKSDSILLTHDGRVKLSDFGVCAQVSKEVPRRK(SEP)LVGTPYW
MAPELISRLPYGPEVDIWSLGIMVIEMVDGEPPYFNEPPLKAMKMIRDNLPPRLKNLHKVSPSLKGFLDRLLVRDPAQRA
(TPO)AAELLKHPFLAKAGPPASIVPLMRQNRTR
;
A
2 'polypeptide(L)' GGRRRRRTWYFGGGK B
#
# COMPACT_ATOMS: atom_id res chain seq x y z
N SER A 55 19.22 -4.91 24.30
CA SER A 55 18.69 -5.52 23.04
C SER A 55 17.88 -4.52 22.20
N HIS A 56 17.17 -3.62 22.89
CA HIS A 56 16.64 -2.44 22.22
C HIS A 56 17.80 -1.55 21.87
N GLU A 57 18.70 -1.34 22.82
CA GLU A 57 19.93 -0.60 22.58
C GLU A 57 20.77 -1.25 21.48
N GLN A 58 20.79 -2.59 21.47
CA GLN A 58 21.46 -3.33 20.42
C GLN A 58 20.92 -2.96 19.04
N PHE A 59 19.60 -2.84 18.93
CA PHE A 59 18.98 -2.55 17.65
C PHE A 59 19.11 -1.08 17.21
N ARG A 60 19.07 -0.16 18.18
CA ARG A 60 19.34 1.27 17.90
C ARG A 60 20.69 1.42 17.22
N ALA A 61 21.70 0.75 17.77
CA ALA A 61 23.05 0.80 17.26
C ALA A 61 23.09 0.26 15.82
N ALA A 62 22.42 -0.86 15.61
CA ALA A 62 22.28 -1.45 14.28
C ALA A 62 21.67 -0.45 13.28
N LEU A 63 20.55 0.16 13.65
CA LEU A 63 19.89 1.14 12.79
C LEU A 63 20.76 2.34 12.45
N GLN A 64 21.56 2.78 13.41
CA GLN A 64 22.41 3.95 13.26
C GLN A 64 23.43 3.83 12.10
N LEU A 65 23.95 2.63 11.89
CA LEU A 65 24.95 2.37 10.85
C LEU A 65 24.35 2.40 9.45
N VAL A 66 23.03 2.44 9.39
CA VAL A 66 22.29 2.28 8.15
C VAL A 66 21.57 3.59 7.74
N VAL A 67 21.25 4.43 8.72
CA VAL A 67 20.51 5.69 8.51
C VAL A 67 21.45 6.85 8.22
N ASP A 68 20.90 7.97 7.76
CA ASP A 68 21.70 9.17 7.56
C ASP A 68 22.06 9.77 8.92
N PRO A 69 23.25 10.37 9.04
CA PRO A 69 23.59 11.02 10.31
C PRO A 69 22.79 12.27 10.53
N GLY A 70 22.63 12.67 11.79
CA GLY A 70 21.96 13.90 12.12
C GLY A 70 20.52 13.74 12.55
N ASP A 71 19.85 14.87 12.67
CA ASP A 71 18.53 15.00 13.25
C ASP A 71 17.81 15.97 12.32
N PRO A 72 16.69 15.55 11.70
CA PRO A 72 16.00 16.43 10.76
C PRO A 72 15.30 17.62 11.41
N ARG A 73 15.18 17.59 12.74
CA ARG A 73 14.59 18.69 13.49
C ARG A 73 15.41 19.96 13.30
N SER A 74 16.69 19.82 12.97
CA SER A 74 17.52 20.98 12.68
C SER A 74 17.13 21.73 11.39
N TYR A 75 16.38 21.11 10.49
CA TYR A 75 15.92 21.84 9.29
C TYR A 75 14.41 21.82 9.06
N LEU A 76 13.68 21.21 9.99
CA LEU A 76 12.22 21.10 9.88
C LEU A 76 11.47 21.81 11.02
N ASP A 77 10.41 22.53 10.66
CA ASP A 77 9.53 23.24 11.60
C ASP A 77 8.12 22.69 11.53
N ASN A 78 7.34 22.97 12.56
CA ASN A 78 5.88 22.78 12.58
C ASN A 78 5.36 21.37 12.24
N PHE A 79 5.82 20.39 13.02
CA PHE A 79 5.29 19.03 12.92
C PHE A 79 3.82 18.96 13.31
N ILE A 80 3.00 18.46 12.39
CA ILE A 80 1.58 18.25 12.66
C ILE A 80 1.23 16.83 12.24
N LYS A 81 0.61 16.08 13.16
CA LYS A 81 0.23 14.70 12.88
C LYS A 81 -0.97 14.66 11.94
N ILE A 82 -0.87 13.85 10.89
CA ILE A 82 -1.94 13.72 9.92
C ILE A 82 -2.44 12.28 9.75
N GLY A 83 -1.66 11.32 10.22
CA GLY A 83 -1.88 9.93 9.85
C GLY A 83 -1.32 8.92 10.82
N GLU A 84 -1.71 7.66 10.62
CA GLU A 84 -1.33 6.55 11.50
C GLU A 84 -1.13 5.26 10.73
N GLY A 85 -0.66 4.25 11.46
CA GLY A 85 -0.54 2.90 10.94
C GLY A 85 -0.19 1.96 12.08
N SER A 86 0.27 0.76 11.71
CA SER A 86 0.75 -0.20 12.68
C SER A 86 2.16 0.16 13.14
N THR A 87 2.99 0.61 12.18
CA THR A 87 4.40 0.94 12.43
C THR A 87 4.59 2.20 13.25
N GLY A 88 3.78 3.22 12.98
CA GLY A 88 3.86 4.46 13.73
C GLY A 88 3.09 5.59 13.10
N ILE A 89 3.41 6.82 13.51
CA ILE A 89 2.68 8.01 13.06
C ILE A 89 3.30 8.68 11.83
N VAL A 90 2.47 9.44 11.11
CA VAL A 90 2.91 10.23 9.96
C VAL A 90 2.58 11.70 10.23
N CYS A 91 3.58 12.57 10.06
CA CYS A 91 3.42 14.00 10.28
C CYS A 91 3.75 14.80 9.04
N ILE A 92 3.20 16.00 8.97
CA ILE A 92 3.63 17.01 8.01
CA ILE A 92 3.63 17.00 8.00
C ILE A 92 4.63 17.89 8.72
N ALA A 93 5.66 18.33 7.99
CA ALA A 93 6.64 19.26 8.54
C ALA A 93 6.98 20.25 7.44
N THR A 94 7.41 21.45 7.85
CA THR A 94 7.82 22.49 6.93
C THR A 94 9.34 22.53 6.89
N VAL A 95 9.90 22.51 5.68
CA VAL A 95 11.34 22.74 5.49
C VAL A 95 11.58 24.23 5.70
N ARG A 96 12.33 24.56 6.74
CA ARG A 96 12.51 25.95 7.18
C ARG A 96 12.97 26.90 6.07
N SER A 97 14.03 26.53 5.35
CA SER A 97 14.65 27.44 4.38
C SER A 97 13.86 27.61 3.07
N SER A 98 13.01 26.65 2.74
CA SER A 98 12.29 26.69 1.46
C SER A 98 10.78 26.99 1.57
N GLY A 99 10.21 26.72 2.74
CA GLY A 99 8.77 26.80 2.95
C GLY A 99 8.02 25.59 2.41
N LYS A 100 8.75 24.60 1.89
CA LYS A 100 8.14 23.39 1.33
C LYS A 100 7.68 22.42 2.42
N LEU A 101 6.69 21.62 2.07
CA LEU A 101 6.16 20.62 2.97
C LEU A 101 6.66 19.24 2.61
N VAL A 102 7.03 18.48 3.65
CA VAL A 102 7.42 17.09 3.51
C VAL A 102 6.64 16.26 4.54
N ALA A 103 6.60 14.94 4.34
CA ALA A 103 6.02 14.04 5.31
C ALA A 103 7.14 13.42 6.12
N VAL A 104 6.86 13.10 7.38
CA VAL A 104 7.85 12.45 8.25
C VAL A 104 7.19 11.26 8.94
N LYS A 105 7.61 10.06 8.57
CA LYS A 105 7.14 8.84 9.19
C LYS A 105 7.98 8.56 10.44
N LYS A 106 7.32 8.50 11.60
CA LYS A 106 8.00 8.21 12.87
C LYS A 106 7.61 6.82 13.37
N MET A 107 8.61 6.00 13.67
CA MET A 107 8.35 4.64 14.11
C MET A 107 9.17 4.33 15.36
N ASP A 108 8.46 4.16 16.48
CA ASP A 108 9.11 3.81 17.74
C ASP A 108 9.63 2.38 17.64
N LEU A 109 10.92 2.21 17.91
CA LEU A 109 11.57 0.91 17.89
C LEU A 109 10.98 -0.10 18.89
N ARG A 110 10.54 0.40 20.04
CA ARG A 110 10.01 -0.45 21.11
C ARG A 110 8.62 -0.97 20.81
N LYS A 111 7.97 -0.42 19.80
CA LYS A 111 6.55 -0.69 19.56
C LYS A 111 6.25 -1.54 18.32
N GLN A 112 7.29 -2.19 17.79
CA GLN A 112 7.15 -3.00 16.58
C GLN A 112 6.91 -4.47 16.93
N GLN A 113 6.01 -5.11 16.19
CA GLN A 113 5.85 -6.56 16.28
C GLN A 113 7.12 -7.26 15.79
N ARG A 114 7.59 -6.89 14.61
CA ARG A 114 8.83 -7.41 14.05
C ARG A 114 9.78 -6.27 13.72
N ARG A 115 10.66 -5.99 14.67
CA ARG A 115 11.58 -4.86 14.63
C ARG A 115 12.46 -4.85 13.38
N GLU A 116 12.87 -6.04 12.94
CA GLU A 116 13.74 -6.18 11.77
C GLU A 116 13.08 -5.72 10.46
N LEU A 117 11.77 -5.54 10.46
CA LEU A 117 11.06 -5.05 9.28
C LEU A 117 11.29 -3.54 9.05
N LEU A 118 11.72 -2.84 10.09
CA LEU A 118 12.07 -1.43 9.94
C LEU A 118 13.13 -1.21 8.87
N PHE A 119 13.97 -2.22 8.64
CA PHE A 119 14.97 -2.20 7.56
C PHE A 119 14.36 -2.11 6.16
N ASN A 120 13.14 -2.59 5.99
CA ASN A 120 12.40 -2.46 4.72
C ASN A 120 12.37 -1.03 4.22
N GLU A 121 12.12 -0.09 5.13
CA GLU A 121 12.09 1.32 4.79
C GLU A 121 13.37 1.79 4.09
N VAL A 122 14.51 1.30 4.58
CA VAL A 122 15.81 1.70 4.05
C VAL A 122 16.13 1.03 2.71
N VAL A 123 15.89 -0.28 2.62
CA VAL A 123 16.03 -1.02 1.36
C VAL A 123 15.23 -0.41 0.18
N ILE A 124 13.98 -0.03 0.41
CA ILE A 124 13.14 0.56 -0.63
C ILE A 124 13.63 1.95 -1.03
N MET A 125 14.03 2.75 -0.03
CA MET A 125 14.62 4.06 -0.26
C MET A 125 15.86 3.96 -1.15
N ARG A 126 16.79 3.10 -0.74
CA ARG A 126 18.06 2.92 -1.43
C ARG A 126 17.93 2.43 -2.87
N ASP A 127 16.94 1.59 -3.14
CA ASP A 127 16.98 0.79 -4.36
C ASP A 127 15.77 0.84 -5.33
N TYR A 128 14.58 1.17 -4.84
CA TYR A 128 13.37 1.01 -5.68
C TYR A 128 12.47 2.24 -5.79
N GLN A 129 13.02 3.32 -6.35
CA GLN A 129 12.25 4.55 -6.59
C GLN A 129 11.62 4.53 -7.99
N HIS A 130 10.44 5.14 -8.13
CA HIS A 130 9.59 4.99 -9.32
C HIS A 130 8.48 6.01 -9.32
N GLU A 131 8.01 6.37 -10.50
CA GLU A 131 6.97 7.38 -10.69
C GLU A 131 5.72 7.20 -9.82
N ASN A 132 5.25 5.97 -9.70
CA ASN A 132 4.05 5.63 -8.93
C ASN A 132 4.36 5.08 -7.52
N VAL A 133 5.53 5.42 -7.00
CA VAL A 133 5.94 5.00 -5.66
C VAL A 133 6.38 6.24 -4.87
N VAL A 134 5.85 6.38 -3.67
CA VAL A 134 6.18 7.53 -2.81
C VAL A 134 7.69 7.60 -2.60
N GLU A 135 8.25 8.76 -2.91
CA GLU A 135 9.69 8.98 -2.82
C GLU A 135 10.11 9.26 -1.37
N MET A 136 11.08 8.49 -0.90
CA MET A 136 11.65 8.69 0.42
C MET A 136 12.97 9.45 0.25
N TYR A 137 13.17 10.48 1.07
CA TYR A 137 14.36 11.33 0.96
C TYR A 137 15.51 10.89 1.86
N ASN A 138 15.26 10.81 3.17
CA ASN A 138 16.30 10.48 4.15
C ASN A 138 15.74 9.72 5.34
N SER A 139 16.60 8.95 6.01
CA SER A 139 16.22 8.26 7.23
C SER A 139 17.15 8.67 8.36
N TYR A 140 16.59 8.77 9.57
CA TYR A 140 17.33 9.17 10.77
C TYR A 140 16.93 8.36 12.00
N LEU A 141 17.88 8.17 12.91
CA LEU A 141 17.55 7.66 14.23
C LEU A 141 17.42 8.86 15.16
N VAL A 142 16.21 9.09 15.67
CA VAL A 142 15.95 10.20 16.59
C VAL A 142 15.49 9.61 17.92
N GLY A 143 16.41 9.55 18.88
CA GLY A 143 16.18 8.86 20.15
C GLY A 143 15.83 7.39 19.95
N ASP A 144 14.59 7.04 20.31
CA ASP A 144 14.13 5.66 20.21
C ASP A 144 13.27 5.41 18.98
N GLU A 145 13.31 6.35 18.03
CA GLU A 145 12.47 6.28 16.85
C GLU A 145 13.28 6.34 15.57
N LEU A 146 12.81 5.59 14.57
CA LEU A 146 13.26 5.77 13.19
C LEU A 146 12.39 6.85 12.53
N TRP A 147 13.03 7.86 11.94
CA TRP A 147 12.29 8.85 11.15
C TRP A 147 12.66 8.75 9.72
N VAL A 148 11.63 8.62 8.88
CA VAL A 148 11.81 8.70 7.45
C VAL A 148 11.17 9.99 6.92
N VAL A 149 12.01 10.87 6.39
CA VAL A 149 11.56 12.09 5.71
C VAL A 149 11.26 11.74 4.25
N MET A 150 10.04 12.00 3.83
CA MET A 150 9.63 11.60 2.50
C MET A 150 8.72 12.62 1.85
N GLU A 151 8.47 12.38 0.58
CA GLU A 151 7.54 13.16 -0.22
C GLU A 151 6.17 13.27 0.46
N PHE A 152 5.65 14.48 0.51
CA PHE A 152 4.31 14.71 1.00
C PHE A 152 3.27 14.60 -0.12
N LEU A 153 2.35 13.66 0.03
CA LEU A 153 1.24 13.45 -0.91
C LEU A 153 0.01 14.15 -0.33
N GLU A 154 -0.17 15.40 -0.74
CA GLU A 154 -1.13 16.30 -0.10
C GLU A 154 -2.59 15.94 -0.37
N GLY A 155 -2.83 15.17 -1.43
CA GLY A 155 -4.17 14.69 -1.76
C GLY A 155 -4.70 13.61 -0.84
N GLY A 156 -3.88 13.16 0.11
CA GLY A 156 -4.31 12.17 1.09
C GLY A 156 -4.44 10.77 0.55
N ALA A 157 -5.12 9.91 1.31
CA ALA A 157 -5.23 8.47 1.00
C ALA A 157 -6.49 8.14 0.21
N LEU A 158 -6.41 7.11 -0.62
CA LEU A 158 -7.56 6.60 -1.38
C LEU A 158 -8.73 6.18 -0.47
N THR A 159 -8.43 5.92 0.80
CA THR A 159 -9.44 5.48 1.76
C THR A 159 -10.52 6.52 1.98
N ASP A 160 -10.12 7.79 2.05
CA ASP A 160 -11.07 8.85 2.35
C ASP A 160 -12.08 9.04 1.21
N ILE A 161 -11.60 8.81 -0.02
CA ILE A 161 -12.42 8.83 -1.23
C ILE A 161 -13.39 7.65 -1.24
N VAL A 162 -12.84 6.46 -1.04
CA VAL A 162 -13.58 5.22 -1.13
C VAL A 162 -14.75 5.17 -0.14
N THR A 163 -14.54 5.71 1.06
CA THR A 163 -15.55 5.72 2.12
C THR A 163 -16.53 6.90 2.02
N HIS A 164 -16.26 7.86 1.13
CA HIS A 164 -17.11 9.07 1.05
C HIS A 164 -17.78 9.37 -0.28
N THR A 165 -17.30 8.82 -1.38
CA THR A 165 -17.99 8.97 -2.68
C THR A 165 -17.96 7.70 -3.51
N ARG A 166 -18.67 7.75 -4.63
CA ARG A 166 -18.60 6.69 -5.62
C ARG A 166 -17.63 7.07 -6.73
N MET A 167 -16.80 6.10 -7.12
CA MET A 167 -15.88 6.28 -8.22
C MET A 167 -16.48 5.71 -9.50
N ASN A 168 -16.31 6.41 -10.62
CA ASN A 168 -16.69 5.83 -11.91
C ASN A 168 -15.55 4.98 -12.47
N GLU A 169 -15.80 4.25 -13.56
CA GLU A 169 -14.86 3.24 -14.02
C GLU A 169 -13.61 3.81 -14.69
N GLU A 170 -13.75 5.01 -15.23
CA GLU A 170 -12.61 5.80 -15.67
C GLU A 170 -11.62 6.08 -14.51
N GLN A 171 -12.17 6.40 -13.34
CA GLN A 171 -11.39 6.73 -12.15
C GLN A 171 -10.79 5.46 -11.52
N ILE A 172 -11.60 4.41 -11.43
CA ILE A 172 -11.16 3.12 -10.92
C ILE A 172 -10.00 2.61 -11.78
N ALA A 173 -10.19 2.63 -13.10
CA ALA A 173 -9.17 2.16 -14.03
C ALA A 173 -7.87 2.98 -13.93
N ALA A 174 -8.00 4.30 -13.76
CA ALA A 174 -6.83 5.15 -13.57
C ALA A 174 -6.02 4.68 -12.37
N VAL A 175 -6.70 4.45 -11.24
CA VAL A 175 -6.03 4.00 -10.03
C VAL A 175 -5.38 2.62 -10.23
N CYS A 176 -6.13 1.68 -10.80
CA CYS A 176 -5.61 0.33 -11.04
C CYS A 176 -4.36 0.34 -11.93
N LEU A 177 -4.37 1.13 -13.00
CA LEU A 177 -3.24 1.22 -13.93
C LEU A 177 -1.98 1.77 -13.24
N ALA A 178 -2.15 2.85 -12.49
CA ALA A 178 -1.08 3.44 -11.69
C ALA A 178 -0.49 2.43 -10.68
N VAL A 179 -1.36 1.71 -9.97
CA VAL A 179 -0.92 0.70 -9.02
C VAL A 179 -0.21 -0.44 -9.75
N LEU A 180 -0.77 -0.88 -10.89
CA LEU A 180 -0.19 -1.99 -11.62
C LEU A 180 1.14 -1.65 -12.30
N GLN A 181 1.33 -0.39 -12.68
CA GLN A 181 2.60 0.05 -13.23
C GLN A 181 3.68 -0.08 -12.16
N ALA A 182 3.35 0.37 -10.96
CA ALA A 182 4.21 0.23 -9.81
C ALA A 182 4.50 -1.25 -9.54
N LEU A 183 3.44 -2.05 -9.40
CA LEU A 183 3.59 -3.47 -9.03
C LEU A 183 4.42 -4.26 -10.02
N SER A 184 4.22 -4.03 -11.32
CA SER A 184 4.93 -4.80 -12.34
C SER A 184 6.44 -4.54 -12.28
N VAL A 185 6.81 -3.33 -11.92
CA VAL A 185 8.22 -2.97 -11.75
C VAL A 185 8.78 -3.57 -10.45
N LEU A 186 8.02 -3.45 -9.36
CA LEU A 186 8.41 -4.06 -8.09
C LEU A 186 8.50 -5.58 -8.17
N HIS A 187 7.46 -6.22 -8.71
CA HIS A 187 7.45 -7.67 -8.82
C HIS A 187 8.57 -8.18 -9.70
N ALA A 188 8.88 -7.45 -10.76
CA ALA A 188 9.93 -7.87 -11.70
C ALA A 188 11.29 -7.91 -11.04
N GLN A 189 11.43 -7.16 -9.94
CA GLN A 189 12.65 -7.16 -9.15
C GLN A 189 12.52 -7.97 -7.86
N GLY A 190 11.47 -8.78 -7.74
CA GLY A 190 11.27 -9.63 -6.57
C GLY A 190 10.71 -8.98 -5.31
N VAL A 191 10.33 -7.71 -5.37
CA VAL A 191 9.75 -7.03 -4.22
C VAL A 191 8.23 -7.24 -4.18
N ILE A 192 7.73 -7.78 -3.06
CA ILE A 192 6.30 -7.93 -2.81
C ILE A 192 5.90 -6.92 -1.75
N HIS A 193 4.82 -6.17 -1.99
CA HIS A 193 4.39 -5.12 -1.05
C HIS A 193 3.78 -5.70 0.22
N ARG A 194 2.81 -6.60 0.02
CA ARG A 194 2.14 -7.38 1.08
C ARG A 194 1.07 -6.63 1.89
N ASP A 195 0.88 -5.35 1.61
CA ASP A 195 -0.17 -4.59 2.31
C ASP A 195 -0.92 -3.63 1.39
N ILE A 196 -1.25 -4.11 0.19
CA ILE A 196 -2.09 -3.39 -0.75
C ILE A 196 -3.53 -3.25 -0.23
N LYS A 197 -3.96 -2.00 -0.11
CA LYS A 197 -5.31 -1.60 0.33
C LYS A 197 -5.40 -0.08 0.09
N SER A 198 -6.59 0.48 0.14
CA SER A 198 -6.77 1.91 -0.18
C SER A 198 -5.93 2.83 0.72
N ASP A 199 -5.65 2.39 1.94
CA ASP A 199 -4.86 3.17 2.89
C ASP A 199 -3.43 3.34 2.43
N SER A 200 -2.96 2.40 1.61
CA SER A 200 -1.59 2.40 1.10
C SER A 200 -1.44 3.16 -0.20
N ILE A 201 -2.54 3.69 -0.73
CA ILE A 201 -2.51 4.40 -2.00
C ILE A 201 -2.72 5.89 -1.71
N LEU A 202 -1.73 6.70 -2.06
CA LEU A 202 -1.79 8.12 -1.76
C LEU A 202 -1.86 8.93 -3.06
N LEU A 203 -2.38 10.15 -2.95
CA LEU A 203 -2.59 11.00 -4.11
C LEU A 203 -1.93 12.37 -3.99
N THR A 204 -1.40 12.87 -5.10
CA THR A 204 -1.02 14.28 -5.21
C THR A 204 -2.28 15.11 -5.45
N HIS A 205 -2.16 16.43 -5.30
CA HIS A 205 -3.28 17.35 -5.50
C HIS A 205 -3.79 17.35 -6.93
N ASP A 206 -2.93 17.01 -7.88
CA ASP A 206 -3.37 16.95 -9.28
C ASP A 206 -3.70 15.53 -9.73
N GLY A 207 -3.96 14.66 -8.75
CA GLY A 207 -4.59 13.36 -8.97
C GLY A 207 -3.70 12.21 -9.37
N ARG A 208 -2.39 12.37 -9.18
CA ARG A 208 -1.45 11.29 -9.44
C ARG A 208 -1.43 10.30 -8.27
N VAL A 209 -1.27 9.03 -8.60
CA VAL A 209 -1.52 7.93 -7.69
C VAL A 209 -0.21 7.23 -7.34
N LYS A 210 0.08 7.11 -6.05
CA LYS A 210 1.36 6.54 -5.63
C LYS A 210 1.22 5.52 -4.53
N LEU A 211 1.98 4.45 -4.66
CA LEU A 211 2.01 3.38 -3.69
C LEU A 211 2.91 3.77 -2.52
N SER A 212 2.45 3.54 -1.29
CA SER A 212 3.25 3.84 -0.11
C SER A 212 3.21 2.72 0.92
N ASP A 213 3.80 3.02 2.07
CA ASP A 213 3.85 2.12 3.24
C ASP A 213 4.43 0.72 2.92
N PHE A 214 5.74 0.69 2.74
CA PHE A 214 6.45 -0.55 2.41
C PHE A 214 6.99 -1.28 3.65
N GLY A 215 6.42 -0.94 4.81
CA GLY A 215 6.87 -1.48 6.09
C GLY A 215 6.89 -2.99 6.30
N VAL A 216 5.99 -3.70 5.62
CA VAL A 216 5.91 -5.16 5.73
C VAL A 216 6.25 -5.89 4.43
N CYS A 217 6.92 -5.19 3.51
CA CYS A 217 7.33 -5.81 2.24
C CYS A 217 8.45 -6.86 2.42
N ALA A 218 8.67 -7.66 1.38
CA ALA A 218 9.68 -8.70 1.41
C ALA A 218 10.21 -8.93 0.00
N GLN A 219 11.36 -9.60 -0.08
CA GLN A 219 11.98 -9.89 -1.36
C GLN A 219 12.02 -11.39 -1.66
N VAL A 220 11.66 -11.75 -2.89
CA VAL A 220 11.92 -13.09 -3.41
C VAL A 220 13.04 -13.06 -4.46
N SER A 221 13.66 -14.22 -4.69
CA SER A 221 14.75 -14.33 -5.64
C SER A 221 14.90 -15.78 -6.03
N LYS A 222 15.92 -16.09 -6.83
CA LYS A 222 16.16 -17.46 -7.25
C LYS A 222 16.43 -18.35 -6.03
N GLU A 223 17.19 -17.80 -5.08
CA GLU A 223 17.58 -18.50 -3.85
C GLU A 223 16.49 -18.52 -2.77
N VAL A 224 15.54 -17.59 -2.87
CA VAL A 224 14.42 -17.50 -1.91
C VAL A 224 13.16 -17.30 -2.73
N PRO A 225 12.67 -18.37 -3.38
CA PRO A 225 11.58 -18.21 -4.34
C PRO A 225 10.26 -17.75 -3.73
N ARG A 226 10.03 -18.09 -2.45
CA ARG A 226 8.74 -17.80 -1.80
C ARG A 226 8.91 -17.21 -0.40
N ARG A 227 7.89 -16.50 0.06
CA ARG A 227 7.84 -16.01 1.44
C ARG A 227 6.86 -16.86 2.23
N LYS A 228 6.93 -16.78 3.54
CA LYS A 228 6.09 -17.60 4.40
C LYS A 228 5.38 -16.83 5.52
N SEP A 229 5.74 -15.58 5.75
CA SEP A 229 5.25 -14.85 6.92
CB SEP A 229 6.08 -13.60 7.13
OG SEP A 229 7.46 -13.98 7.16
C SEP A 229 3.80 -14.47 6.83
O SEP A 229 3.31 -14.12 5.76
P SEP A 229 8.51 -13.30 6.14
O1P SEP A 229 9.82 -13.96 6.50
O2P SEP A 229 7.94 -13.68 4.79
O3P SEP A 229 8.48 -11.84 6.47
N LEU A 230 3.09 -14.57 7.96
CA LEU A 230 1.73 -14.07 8.08
C LEU A 230 1.78 -12.56 8.23
N VAL A 231 1.46 -11.85 7.16
CA VAL A 231 1.66 -10.40 7.09
C VAL A 231 0.57 -9.72 6.26
N GLY A 232 0.12 -8.55 6.69
CA GLY A 232 -0.89 -7.78 5.96
C GLY A 232 -2.09 -7.34 6.80
N THR A 233 -3.20 -7.02 6.14
CA THR A 233 -4.42 -6.63 6.84
C THR A 233 -5.50 -7.65 6.49
N PRO A 234 -6.08 -8.32 7.51
CA PRO A 234 -6.92 -9.50 7.34
C PRO A 234 -7.81 -9.53 6.09
N TYR A 235 -8.67 -8.54 5.95
CA TYR A 235 -9.68 -8.48 4.87
C TYR A 235 -9.08 -8.45 3.46
N TRP A 236 -7.84 -8.00 3.35
CA TRP A 236 -7.16 -7.89 2.06
C TRP A 236 -6.20 -9.04 1.80
N MET A 237 -6.01 -9.93 2.78
CA MET A 237 -5.01 -11.00 2.65
C MET A 237 -5.41 -12.12 1.70
N ALA A 238 -4.47 -12.53 0.85
CA ALA A 238 -4.69 -13.61 -0.11
C ALA A 238 -4.94 -14.96 0.57
N PRO A 239 -5.80 -15.82 -0.02
CA PRO A 239 -6.11 -17.11 0.61
C PRO A 239 -4.89 -18.01 0.87
N GLU A 240 -3.97 -18.11 -0.09
CA GLU A 240 -2.77 -18.96 0.05
C GLU A 240 -1.87 -18.46 1.18
N LEU A 241 -1.90 -17.16 1.42
CA LEU A 241 -1.15 -16.55 2.53
C LEU A 241 -1.83 -16.86 3.86
N ILE A 242 -3.15 -16.79 3.90
CA ILE A 242 -3.96 -17.18 5.08
C ILE A 242 -3.83 -18.69 5.33
N SER A 243 -3.74 -19.48 4.27
CA SER A 243 -3.59 -20.95 4.36
C SER A 243 -2.17 -21.35 4.77
N ARG A 244 -1.29 -20.37 4.91
CA ARG A 244 0.12 -20.60 5.32
C ARG A 244 0.93 -21.41 4.30
N LEU A 245 0.60 -21.23 3.01
CA LEU A 245 1.40 -21.80 1.92
C LEU A 245 2.53 -20.83 1.56
N PRO A 246 3.63 -21.35 0.99
CA PRO A 246 4.65 -20.44 0.50
C PRO A 246 4.05 -19.63 -0.65
N TYR A 247 4.39 -18.35 -0.74
CA TYR A 247 3.72 -17.46 -1.68
C TYR A 247 4.71 -16.45 -2.28
N GLY A 248 4.27 -15.77 -3.34
CA GLY A 248 5.08 -14.73 -3.95
C GLY A 248 4.28 -13.49 -4.27
N PRO A 249 4.66 -12.79 -5.37
CA PRO A 249 4.07 -11.50 -5.79
C PRO A 249 2.57 -11.58 -6.07
N GLU A 250 2.06 -12.79 -6.30
CA GLU A 250 0.64 -13.01 -6.60
C GLU A 250 -0.28 -12.46 -5.51
N VAL A 251 0.22 -12.43 -4.27
CA VAL A 251 -0.59 -11.97 -3.14
C VAL A 251 -0.98 -10.50 -3.28
N ASP A 252 -0.12 -9.70 -3.89
CA ASP A 252 -0.41 -8.29 -4.15
C ASP A 252 -1.55 -8.17 -5.15
N ILE A 253 -1.64 -9.12 -6.08
CA ILE A 253 -2.67 -9.08 -7.11
C ILE A 253 -4.06 -9.37 -6.51
N TRP A 254 -4.15 -10.38 -5.66
CA TRP A 254 -5.37 -10.61 -4.89
C TRP A 254 -5.75 -9.37 -4.10
N SER A 255 -4.81 -8.82 -3.34
CA SER A 255 -5.09 -7.63 -2.51
C SER A 255 -5.62 -6.46 -3.31
N LEU A 256 -5.08 -6.25 -4.50
CA LEU A 256 -5.60 -5.23 -5.40
C LEU A 256 -7.06 -5.49 -5.77
N GLY A 257 -7.38 -6.76 -6.04
CA GLY A 257 -8.76 -7.17 -6.29
C GLY A 257 -9.71 -6.80 -5.16
N ILE A 258 -9.28 -6.99 -3.93
CA ILE A 258 -10.06 -6.55 -2.77
C ILE A 258 -10.20 -5.03 -2.76
N MET A 259 -9.16 -4.33 -3.23
CA MET A 259 -9.21 -2.87 -3.31
C MET A 259 -10.13 -2.40 -4.44
N VAL A 260 -10.25 -3.19 -5.50
CA VAL A 260 -11.27 -2.90 -6.52
C VAL A 260 -12.66 -2.93 -5.86
N ILE A 261 -12.93 -3.96 -5.05
CA ILE A 261 -14.19 -4.06 -4.31
C ILE A 261 -14.40 -2.87 -3.38
N GLU A 262 -13.35 -2.46 -2.67
CA GLU A 262 -13.37 -1.22 -1.91
C GLU A 262 -13.86 -0.06 -2.76
N MET A 263 -13.29 0.07 -3.95
CA MET A 263 -13.60 1.21 -4.83
C MET A 263 -15.04 1.17 -5.33
N VAL A 264 -15.59 -0.03 -5.52
CA VAL A 264 -16.99 -0.18 -5.96
C VAL A 264 -17.98 -0.12 -4.78
N ASP A 265 -17.74 -0.89 -3.73
CA ASP A 265 -18.67 -1.03 -2.59
C ASP A 265 -18.37 -0.10 -1.41
N GLY A 266 -17.19 0.51 -1.39
CA GLY A 266 -16.78 1.36 -0.26
C GLY A 266 -16.11 0.59 0.87
N GLU A 267 -16.25 -0.73 0.85
CA GLU A 267 -15.69 -1.63 1.87
C GLU A 267 -15.13 -2.91 1.26
N PRO A 268 -14.15 -3.54 1.94
CA PRO A 268 -13.72 -4.88 1.53
C PRO A 268 -14.76 -5.88 2.00
N PRO A 269 -14.81 -7.09 1.39
CA PRO A 269 -15.74 -8.13 1.82
C PRO A 269 -15.61 -8.47 3.30
N TYR A 270 -16.70 -8.96 3.89
CA TYR A 270 -16.74 -9.42 5.28
C TYR A 270 -16.22 -8.40 6.30
N PHE A 271 -16.32 -7.11 5.98
CA PHE A 271 -15.82 -6.02 6.82
C PHE A 271 -16.56 -5.90 8.14
N ASN A 272 -17.79 -6.42 8.17
CA ASN A 272 -18.62 -6.39 9.38
C ASN A 272 -18.38 -7.60 10.27
N GLU A 273 -17.55 -8.52 9.79
CA GLU A 273 -17.15 -9.68 10.57
C GLU A 273 -15.88 -9.39 11.36
N PRO A 274 -15.67 -10.08 12.49
CA PRO A 274 -14.37 -9.98 13.17
C PRO A 274 -13.22 -10.41 12.23
N PRO A 275 -12.04 -9.75 12.36
CA PRO A 275 -10.89 -10.06 11.50
C PRO A 275 -10.63 -11.57 11.32
N LEU A 276 -10.55 -12.30 12.43
CA LEU A 276 -10.26 -13.74 12.42
C LEU A 276 -11.32 -14.59 11.69
N LYS A 277 -12.58 -14.18 11.79
CA LYS A 277 -13.66 -14.86 11.05
C LYS A 277 -13.57 -14.56 9.55
N ALA A 278 -13.27 -13.30 9.23
CA ALA A 278 -13.10 -12.86 7.84
C ALA A 278 -12.01 -13.67 7.11
N MET A 279 -10.86 -13.81 7.76
CA MET A 279 -9.75 -14.59 7.22
C MET A 279 -10.15 -16.03 6.94
N LYS A 280 -10.85 -16.64 7.89
CA LYS A 280 -11.37 -17.99 7.72
C LYS A 280 -12.23 -18.07 6.45
N MET A 281 -13.15 -17.12 6.30
CA MET A 281 -14.04 -17.12 5.15
C MET A 281 -13.30 -16.90 3.84
N ILE A 282 -12.25 -16.09 3.87
CA ILE A 282 -11.40 -15.85 2.69
C ILE A 282 -10.72 -17.15 2.27
N ARG A 283 -10.21 -17.87 3.27
CA ARG A 283 -9.51 -19.14 3.06
C ARG A 283 -10.44 -20.25 2.58
N ASP A 284 -11.61 -20.37 3.19
CA ASP A 284 -12.50 -21.51 2.91
C ASP A 284 -13.43 -21.32 1.72
N ASN A 285 -14.01 -20.13 1.59
CA ASN A 285 -15.09 -19.90 0.63
C ASN A 285 -14.65 -19.54 -0.78
N LEU A 286 -15.59 -19.59 -1.71
CA LEU A 286 -15.35 -19.15 -3.09
C LEU A 286 -14.94 -17.67 -3.08
N PRO A 287 -14.28 -17.21 -4.16
CA PRO A 287 -13.88 -15.80 -4.24
C PRO A 287 -15.01 -14.86 -3.82
N PRO A 288 -14.70 -13.81 -3.05
CA PRO A 288 -15.73 -12.90 -2.58
C PRO A 288 -16.38 -12.10 -3.73
N ARG A 289 -17.68 -11.88 -3.64
CA ARG A 289 -18.39 -11.16 -4.69
C ARG A 289 -18.69 -9.72 -4.33
N LEU A 290 -18.92 -8.90 -5.35
CA LEU A 290 -19.38 -7.53 -5.18
C LEU A 290 -20.78 -7.52 -4.59
N LYS A 291 -21.08 -6.52 -3.77
CA LYS A 291 -22.42 -6.35 -3.24
C LYS A 291 -23.38 -6.04 -4.38
N ASN A 292 -22.89 -5.22 -5.32
CA ASN A 292 -23.71 -4.73 -6.41
CA ASN A 292 -23.72 -4.73 -6.42
C ASN A 292 -23.10 -5.00 -7.80
N LEU A 293 -23.26 -6.23 -8.29
CA LEU A 293 -22.72 -6.63 -9.60
C LEU A 293 -23.30 -5.84 -10.78
N HIS A 294 -24.52 -5.32 -10.65
CA HIS A 294 -25.10 -4.49 -11.71
C HIS A 294 -24.46 -3.13 -11.78
N LYS A 295 -23.63 -2.81 -10.78
CA LYS A 295 -22.97 -1.51 -10.72
C LYS A 295 -21.58 -1.51 -11.36
N VAL A 296 -21.18 -2.66 -11.91
CA VAL A 296 -19.92 -2.76 -12.66
C VAL A 296 -20.21 -3.17 -14.10
N SER A 297 -19.42 -2.64 -15.02
CA SER A 297 -19.51 -3.01 -16.43
C SER A 297 -18.91 -4.41 -16.57
N PRO A 298 -19.31 -5.15 -17.63
CA PRO A 298 -18.73 -6.49 -17.84
C PRO A 298 -17.20 -6.46 -17.99
N SER A 299 -16.67 -5.39 -18.54
CA SER A 299 -15.23 -5.18 -18.66
C SER A 299 -14.56 -5.14 -17.27
N LEU A 300 -15.11 -4.33 -16.35
CA LEU A 300 -14.63 -4.31 -14.96
C LEU A 300 -14.79 -5.68 -14.28
N LYS A 301 -15.90 -6.36 -14.52
CA LYS A 301 -16.10 -7.73 -14.00
C LYS A 301 -15.08 -8.73 -14.56
N GLY A 302 -14.79 -8.63 -15.86
CA GLY A 302 -13.74 -9.46 -16.47
C GLY A 302 -12.39 -9.22 -15.80
N PHE A 303 -12.11 -7.95 -15.53
CA PHE A 303 -10.85 -7.54 -14.88
C PHE A 303 -10.73 -8.16 -13.48
N LEU A 304 -11.73 -7.95 -12.63
CA LEU A 304 -11.76 -8.47 -11.28
C LEU A 304 -11.65 -10.01 -11.22
N ASP A 305 -12.21 -10.68 -12.22
CA ASP A 305 -12.16 -12.14 -12.32
C ASP A 305 -10.73 -12.64 -12.54
N ARG A 306 -9.87 -11.80 -13.10
CA ARG A 306 -8.46 -12.15 -13.29
C ARG A 306 -7.64 -11.93 -12.01
N LEU A 307 -8.21 -11.19 -11.07
CA LEU A 307 -7.55 -10.81 -9.82
C LEU A 307 -7.94 -11.75 -8.69
N LEU A 308 -9.26 -11.96 -8.51
CA LEU A 308 -9.73 -12.75 -7.37
C LEU A 308 -9.81 -14.25 -7.70
N VAL A 309 -8.69 -14.78 -8.16
CA VAL A 309 -8.55 -16.20 -8.43
C VAL A 309 -7.86 -16.84 -7.21
N ARG A 310 -8.48 -17.90 -6.69
CA ARG A 310 -7.96 -18.60 -5.53
C ARG A 310 -6.61 -19.25 -5.80
N ASP A 311 -6.48 -19.91 -6.95
CA ASP A 311 -5.24 -20.56 -7.35
C ASP A 311 -4.21 -19.53 -7.81
N PRO A 312 -3.13 -19.35 -7.02
CA PRO A 312 -2.11 -18.32 -7.30
C PRO A 312 -1.51 -18.49 -8.68
N ALA A 313 -1.35 -19.73 -9.13
CA ALA A 313 -0.80 -20.03 -10.46
C ALA A 313 -1.72 -19.60 -11.61
N GLN A 314 -3.01 -19.40 -11.34
CA GLN A 314 -3.99 -19.05 -12.38
C GLN A 314 -4.33 -17.55 -12.39
N ARG A 315 -4.09 -16.89 -11.25
CA ARG A 315 -4.23 -15.46 -11.10
C ARG A 315 -3.35 -14.75 -12.14
N ALA A 316 -3.86 -13.66 -12.71
CA ALA A 316 -3.08 -12.84 -13.63
C ALA A 316 -1.90 -12.17 -12.91
N TPO A 317 -0.81 -11.90 -13.65
CA TPO A 317 0.34 -11.17 -13.11
CB TPO A 317 1.66 -11.75 -13.65
CG2 TPO A 317 1.76 -13.23 -13.31
OG1 TPO A 317 1.80 -11.54 -15.06
P TPO A 317 3.19 -11.88 -15.87
O1P TPO A 317 3.12 -13.37 -16.15
O2P TPO A 317 3.11 -11.05 -17.12
O3P TPO A 317 4.32 -11.48 -14.95
C TPO A 317 0.18 -9.70 -13.42
O TPO A 317 -0.59 -9.31 -14.30
N ALA A 318 0.89 -8.85 -12.69
CA ALA A 318 0.83 -7.40 -12.94
C ALA A 318 1.15 -7.02 -14.39
N ALA A 319 2.12 -7.70 -14.99
CA ALA A 319 2.53 -7.42 -16.38
C ALA A 319 1.47 -7.82 -17.39
N GLU A 320 0.77 -8.93 -17.10
CA GLU A 320 -0.35 -9.37 -17.94
CA GLU A 320 -0.37 -9.38 -17.92
C GLU A 320 -1.52 -8.37 -17.84
N LEU A 321 -1.82 -7.93 -16.62
CA LEU A 321 -2.94 -7.02 -16.37
C LEU A 321 -2.81 -5.66 -17.03
N LEU A 322 -1.58 -5.19 -17.22
CA LEU A 322 -1.34 -3.92 -17.91
C LEU A 322 -1.92 -3.92 -19.33
N LYS A 323 -2.13 -5.11 -19.88
CA LYS A 323 -2.66 -5.26 -21.23
C LYS A 323 -4.16 -5.56 -21.25
N HIS A 324 -4.82 -5.46 -20.09
CA HIS A 324 -6.25 -5.78 -20.01
C HIS A 324 -7.10 -4.67 -20.58
N PRO A 325 -8.12 -5.02 -21.39
CA PRO A 325 -9.01 -4.03 -22.01
C PRO A 325 -9.61 -3.03 -21.02
N PHE A 326 -9.99 -3.49 -19.83
CA PHE A 326 -10.55 -2.59 -18.81
C PHE A 326 -9.70 -1.36 -18.51
N LEU A 327 -8.38 -1.51 -18.56
CA LEU A 327 -7.49 -0.38 -18.28
C LEU A 327 -7.51 0.68 -19.39
N ALA A 328 -8.06 0.33 -20.56
CA ALA A 328 -8.22 1.30 -21.65
C ALA A 328 -9.13 2.46 -21.25
N LYS A 329 -9.98 2.24 -20.25
CA LYS A 329 -10.89 3.26 -19.72
C LYS A 329 -10.22 4.29 -18.80
N ALA A 330 -8.97 4.05 -18.44
CA ALA A 330 -8.27 4.90 -17.48
C ALA A 330 -8.23 6.35 -17.93
N GLY A 331 -8.62 7.25 -17.05
CA GLY A 331 -8.56 8.67 -17.35
C GLY A 331 -7.25 9.26 -16.89
N PRO A 332 -6.98 10.53 -17.25
CA PRO A 332 -5.79 11.24 -16.79
C PRO A 332 -5.82 11.44 -15.27
N PRO A 333 -4.69 11.82 -14.66
CA PRO A 333 -4.71 12.15 -13.22
C PRO A 333 -5.83 13.13 -12.86
N ALA A 334 -6.16 14.03 -13.79
CA ALA A 334 -7.17 15.06 -13.61
C ALA A 334 -8.55 14.51 -13.26
N SER A 335 -8.86 13.31 -13.76
CA SER A 335 -10.15 12.69 -13.49
C SER A 335 -10.31 12.32 -12.00
N ILE A 336 -9.18 12.16 -11.30
CA ILE A 336 -9.19 11.77 -9.88
C ILE A 336 -9.42 12.99 -8.98
N VAL A 337 -8.98 14.16 -9.43
CA VAL A 337 -8.99 15.40 -8.65
C VAL A 337 -10.31 15.75 -7.94
N PRO A 338 -11.47 15.61 -8.62
CA PRO A 338 -12.73 16.00 -7.97
C PRO A 338 -13.16 15.10 -6.81
N LEU A 339 -12.61 13.90 -6.74
CA LEU A 339 -12.93 12.96 -5.68
C LEU A 339 -12.39 13.38 -4.30
N MET A 340 -11.37 14.23 -4.28
CA MET A 340 -10.69 14.57 -3.03
C MET A 340 -11.49 15.49 -2.13
N ARG A 341 -11.27 15.36 -0.83
CA ARG A 341 -12.01 16.11 0.19
C ARG A 341 -12.11 17.62 -0.11
N GLN A 342 -10.98 18.23 -0.46
CA GLN A 342 -10.91 19.67 -0.73
C GLN A 342 -11.73 20.13 -1.94
N ASN A 343 -12.25 19.17 -2.70
CA ASN A 343 -13.02 19.48 -3.91
C ASN A 343 -14.45 18.95 -3.94
N ARG A 344 -14.78 17.98 -3.08
CA ARG A 344 -16.07 17.27 -3.17
C ARG A 344 -17.29 18.19 -3.03
N ARG B 5 -11.90 -3.48 10.90
CA ARG B 5 -10.62 -2.83 11.37
C ARG B 5 -9.58 -2.76 10.24
N ARG B 6 -8.91 -1.61 10.15
CA ARG B 6 -8.01 -1.32 9.04
C ARG B 6 -6.52 -1.48 9.41
N ARG B 7 -6.24 -2.36 10.39
CA ARG B 7 -4.88 -2.47 10.97
C ARG B 7 -4.06 -3.67 10.47
N THR B 8 -2.77 -3.43 10.25
CA THR B 8 -1.83 -4.41 9.69
C THR B 8 -1.36 -5.47 10.71
N TRP B 9 -0.98 -6.65 10.20
CA TRP B 9 -0.43 -7.77 10.98
C TRP B 9 0.99 -8.08 10.57
N TYR B 10 1.75 -8.71 11.47
CA TYR B 10 3.18 -9.01 11.23
C TYR B 10 3.51 -10.49 11.41
#